data_7DXS
#
_entry.id   7DXS
#
_cell.length_a   42.716
_cell.length_b   40.431
_cell.length_c   56.300
_cell.angle_alpha   90.000
_cell.angle_beta   91.270
_cell.angle_gamma   90.000
#
_symmetry.space_group_name_H-M   'P 1 21 1'
#
loop_
_entity.id
_entity.type
_entity.pdbx_description
1 polymer 'ap1h protein'
2 non-polymer 'SULFATE ION'
3 water water
#
_entity_poly.entity_id   1
_entity_poly.type   'polypeptide(L)'
_entity_poly.pdbx_seq_one_letter_code
;GPMANSSVELRVAEAYPEDVGRGIVRMDKQTRAKLGVSVGDYVEVKKVD
;
_entity_poly.pdbx_strand_id   A,B,C,D
#
# COMPACT_ATOMS: atom_id res chain seq x y z
N ALA A 4 16.65 5.29 27.26
CA ALA A 4 15.95 5.77 26.04
C ALA A 4 16.42 4.96 24.85
N ASN A 5 15.48 4.37 24.13
CA ASN A 5 15.77 3.48 22.99
C ASN A 5 16.00 4.23 21.67
N SER A 6 16.79 3.61 20.79
CA SER A 6 17.08 4.18 19.44
C SER A 6 15.76 4.30 18.66
N SER A 7 15.72 5.25 17.73
CA SER A 7 14.56 5.53 16.89
C SER A 7 14.87 5.32 15.41
N VAL A 8 13.87 4.88 14.65
CA VAL A 8 13.98 4.64 13.21
C VAL A 8 12.80 5.29 12.51
N GLU A 9 13.04 5.76 11.30
CA GLU A 9 12.05 6.46 10.50
C GLU A 9 11.62 5.57 9.34
N LEU A 10 10.30 5.40 9.17
CA LEU A 10 9.80 4.47 8.17
C LEU A 10 8.57 5.05 7.48
N ARG A 11 8.30 4.52 6.29
CA ARG A 11 7.19 4.92 5.38
C ARG A 11 5.94 4.10 5.69
N VAL A 12 4.80 4.77 5.82
CA VAL A 12 3.55 4.09 6.16
C VAL A 12 2.96 3.44 4.91
N ALA A 13 2.62 2.16 5.03
CA ALA A 13 1.90 1.44 3.99
C ALA A 13 0.71 0.72 4.62
N GLU A 14 -0.23 0.33 3.76
CA GLU A 14 -1.46 -0.34 4.17
C GLU A 14 -1.19 -1.75 4.68
N ALA A 15 -2.06 -2.21 5.60
CA ALA A 15 -1.96 -3.57 6.14
C ALA A 15 -2.51 -4.62 5.17
N TYR A 16 -1.93 -5.83 5.23
CA TYR A 16 -2.57 -6.94 4.55
C TYR A 16 -3.93 -7.18 5.20
N PRO A 17 -4.92 -7.65 4.44
CA PRO A 17 -6.30 -7.65 4.97
C PRO A 17 -6.49 -8.54 6.18
N GLU A 18 -5.82 -9.69 6.24
CA GLU A 18 -5.94 -10.54 7.41
C GLU A 18 -5.39 -9.89 8.68
N ASP A 19 -4.58 -8.85 8.54
CA ASP A 19 -4.00 -8.18 9.70
C ASP A 19 -4.86 -7.04 10.24
N VAL A 20 -5.85 -6.58 9.47
CA VAL A 20 -6.65 -5.42 9.86
C VAL A 20 -7.35 -5.71 11.17
N GLY A 21 -7.19 -4.80 12.14
CA GLY A 21 -7.71 -4.98 13.47
C GLY A 21 -6.79 -5.72 14.44
N ARG A 22 -5.61 -6.15 14.00
CA ARG A 22 -4.79 -6.98 14.88
C ARG A 22 -3.92 -6.17 15.84
N GLY A 23 -3.72 -4.88 15.62
CA GLY A 23 -2.81 -4.15 16.48
C GLY A 23 -1.35 -4.51 16.29
N ILE A 24 -0.94 -4.77 15.05
CA ILE A 24 0.44 -5.14 14.74
C ILE A 24 1.02 -4.12 13.77
N VAL A 25 2.36 -4.12 13.68
CA VAL A 25 3.09 -3.51 12.57
C VAL A 25 4.02 -4.56 11.97
N ARG A 26 4.01 -4.67 10.66
CA ARG A 26 4.95 -5.55 9.97
C ARG A 26 6.16 -4.75 9.52
N MET A 27 7.34 -5.21 9.92
CA MET A 27 8.61 -4.56 9.58
C MET A 27 9.59 -5.68 9.26
N ASP A 28 10.56 -5.38 8.39
CA ASP A 28 11.48 -6.43 8.00
C ASP A 28 12.60 -6.61 9.04
N LYS A 29 13.46 -7.59 8.77
CA LYS A 29 14.48 -7.97 9.76
C LYS A 29 15.49 -6.85 10.00
N GLN A 30 15.96 -6.19 8.92
CA GLN A 30 16.94 -5.12 9.13
C GLN A 30 16.35 -3.98 9.93
N THR A 31 15.05 -3.71 9.78
CA THR A 31 14.41 -2.72 10.62
C THR A 31 14.37 -3.18 12.08
N ARG A 32 14.02 -4.45 12.30
CA ARG A 32 13.94 -4.99 13.65
C ARG A 32 15.31 -4.95 14.33
N ALA A 33 16.37 -5.29 13.59
CA ALA A 33 17.72 -5.26 14.15
C ALA A 33 18.13 -3.84 14.51
N LYS A 34 17.77 -2.87 13.67
CA LYS A 34 18.02 -1.46 13.94
C LYS A 34 17.29 -1.00 15.20
N LEU A 35 16.09 -1.54 15.45
CA LEU A 35 15.36 -1.21 16.66
C LEU A 35 15.78 -2.07 17.85
N GLY A 36 16.45 -3.19 17.60
CA GLY A 36 16.69 -4.15 18.66
C GLY A 36 15.42 -4.78 19.20
N VAL A 37 14.45 -5.06 18.34
CA VAL A 37 13.26 -5.81 18.74
C VAL A 37 13.24 -7.13 17.98
N SER A 38 12.44 -8.06 18.51
CA SER A 38 12.10 -9.30 17.84
C SER A 38 10.62 -9.31 17.55
N VAL A 39 10.18 -10.17 16.63
CA VAL A 39 8.75 -10.37 16.44
C VAL A 39 8.13 -10.66 17.81
N GLY A 40 7.02 -9.98 18.10
CA GLY A 40 6.32 -10.16 19.35
C GLY A 40 6.56 -9.07 20.38
N ASP A 41 7.62 -8.27 20.24
CA ASP A 41 7.80 -7.12 21.10
C ASP A 41 6.95 -5.95 20.60
N TYR A 42 6.79 -4.94 21.44
CA TYR A 42 6.03 -3.75 21.09
C TYR A 42 6.95 -2.61 20.68
N VAL A 43 6.46 -1.80 19.75
CA VAL A 43 7.13 -0.55 19.40
C VAL A 43 6.14 0.59 19.57
N GLU A 44 6.70 1.79 19.74
CA GLU A 44 5.93 3.02 19.80
C GLU A 44 6.08 3.73 18.46
N VAL A 45 4.97 4.14 17.87
CA VAL A 45 4.93 4.75 16.53
C VAL A 45 4.33 6.14 16.65
N LYS A 46 4.95 7.11 15.97
CA LYS A 46 4.51 8.50 16.03
C LYS A 46 4.76 9.14 14.67
N LYS A 47 3.79 9.92 14.23
CA LYS A 47 3.90 10.69 12.99
C LYS A 47 5.12 11.60 13.07
N VAL A 48 5.86 11.67 11.96
CA VAL A 48 6.90 12.65 11.74
C VAL A 48 6.31 13.95 11.25
N ASP A 49 5.54 13.87 10.16
CA ASP A 49 4.97 15.01 9.45
C ASP A 49 4.04 15.84 10.35
N SER B 6 0.69 12.63 18.53
CA SER B 6 -0.12 11.44 18.92
C SER B 6 0.69 10.15 18.74
N SER B 7 0.54 9.18 19.64
CA SER B 7 1.35 7.95 19.50
C SER B 7 0.54 6.69 19.81
N VAL B 8 1.02 5.57 19.26
CA VAL B 8 0.39 4.26 19.51
C VAL B 8 1.50 3.24 19.72
N GLU B 9 1.12 2.20 20.39
CA GLU B 9 2.01 1.08 20.67
C GLU B 9 1.40 -0.14 19.99
N LEU B 10 2.21 -0.79 19.14
CA LEU B 10 1.76 -1.92 18.34
C LEU B 10 2.77 -3.04 18.48
N ARG B 11 2.34 -4.25 18.16
CA ARG B 11 3.19 -5.42 18.29
C ARG B 11 3.92 -5.67 16.99
N VAL B 12 5.21 -6.00 17.08
CA VAL B 12 6.02 -6.22 15.90
C VAL B 12 5.70 -7.60 15.35
N ALA B 13 5.51 -7.68 14.04
CA ALA B 13 5.25 -8.91 13.32
C ALA B 13 6.15 -8.94 12.08
N GLU B 14 6.37 -10.14 11.55
CA GLU B 14 7.33 -10.29 10.45
C GLU B 14 6.79 -9.70 9.15
N ALA B 15 7.71 -9.25 8.31
CA ALA B 15 7.36 -8.69 7.03
C ALA B 15 6.90 -9.77 6.05
N TYR B 16 6.13 -9.33 5.05
CA TYR B 16 5.94 -10.16 3.87
C TYR B 16 7.18 -10.05 2.98
N PRO B 17 7.51 -11.12 2.24
CA PRO B 17 8.80 -11.14 1.54
C PRO B 17 8.96 -10.02 0.52
N GLU B 18 7.90 -9.60 -0.17
CA GLU B 18 8.05 -8.50 -1.12
C GLU B 18 8.27 -7.15 -0.43
N ASP B 19 8.09 -7.07 0.88
CA ASP B 19 8.32 -5.81 1.59
C ASP B 19 9.74 -5.67 2.10
N VAL B 20 10.49 -6.76 2.15
CA VAL B 20 11.82 -6.72 2.76
C VAL B 20 12.70 -5.71 2.04
N GLY B 21 13.37 -4.85 2.81
CA GLY B 21 14.24 -3.85 2.26
C GLY B 21 13.55 -2.60 1.75
N ARG B 22 12.22 -2.50 1.88
CA ARG B 22 11.50 -1.34 1.35
C ARG B 22 11.41 -0.18 2.34
N GLY B 23 11.94 -0.33 3.55
CA GLY B 23 11.76 0.70 4.58
C GLY B 23 10.33 1.09 4.84
N ILE B 24 9.43 0.12 4.92
CA ILE B 24 8.03 0.43 5.17
C ILE B 24 7.59 -0.22 6.48
N VAL B 25 6.54 0.37 7.04
CA VAL B 25 5.78 -0.27 8.11
C VAL B 25 4.34 -0.41 7.62
N ARG B 26 3.81 -1.63 7.74
CA ARG B 26 2.44 -1.90 7.35
C ARG B 26 1.54 -1.80 8.58
N MET B 27 0.53 -0.92 8.49
CA MET B 27 -0.41 -0.55 9.55
C MET B 27 -1.79 -0.40 8.93
N ASP B 28 -2.84 -0.80 9.67
CA ASP B 28 -4.17 -0.74 9.11
C ASP B 28 -4.73 0.68 9.21
N LYS B 29 -5.88 0.88 8.58
CA LYS B 29 -6.58 2.18 8.48
C LYS B 29 -6.81 2.82 9.87
N GLN B 30 -7.41 2.09 10.77
CA GLN B 30 -7.67 2.62 12.12
C GLN B 30 -6.37 2.99 12.82
N THR B 31 -5.27 2.26 12.58
CA THR B 31 -4.00 2.67 13.17
C THR B 31 -3.50 3.97 12.55
N ARG B 32 -3.60 4.09 11.22
CA ARG B 32 -3.20 5.34 10.57
C ARG B 32 -4.05 6.51 11.06
N ALA B 33 -5.35 6.27 11.29
CA ALA B 33 -6.21 7.35 11.73
C ALA B 33 -5.84 7.83 13.13
N LYS B 34 -5.50 6.89 14.03
CA LYS B 34 -5.03 7.29 15.36
C LYS B 34 -3.82 8.19 15.28
N LEU B 35 -2.92 7.88 14.35
CA LEU B 35 -1.63 8.58 14.17
C LEU B 35 -1.76 9.89 13.37
N GLY B 36 -2.80 10.11 12.61
CA GLY B 36 -2.86 11.28 11.76
C GLY B 36 -2.03 11.16 10.50
N VAL B 37 -1.67 9.94 10.11
CA VAL B 37 -0.85 9.74 8.92
C VAL B 37 -1.70 9.09 7.84
N SER B 38 -1.21 9.17 6.62
CA SER B 38 -1.70 8.64 5.36
C SER B 38 -0.71 7.59 4.87
N VAL B 39 -1.14 6.72 3.95
CA VAL B 39 -0.16 5.95 3.20
C VAL B 39 0.83 6.92 2.56
N GLY B 40 2.13 6.61 2.74
CA GLY B 40 3.20 7.39 2.15
C GLY B 40 3.84 8.40 3.09
N ASP B 41 3.15 8.75 4.18
CA ASP B 41 3.76 9.55 5.24
C ASP B 41 4.85 8.75 5.94
N TYR B 42 5.66 9.44 6.72
CA TYR B 42 6.71 8.83 7.52
C TYR B 42 6.34 8.91 9.01
N VAL B 43 6.70 7.86 9.75
CA VAL B 43 6.52 7.78 11.19
C VAL B 43 7.86 7.49 11.84
N GLU B 44 7.96 7.80 13.12
CA GLU B 44 9.12 7.47 13.93
C GLU B 44 8.74 6.25 14.77
N VAL B 45 9.62 5.24 14.77
CA VAL B 45 9.34 3.98 15.46
C VAL B 45 10.46 3.74 16.47
N LYS B 46 10.11 3.17 17.63
CA LYS B 46 11.07 2.99 18.71
C LYS B 46 10.63 1.82 19.59
N LYS B 47 11.57 1.07 20.11
CA LYS B 47 11.33 -0.09 20.99
C LYS B 47 10.70 0.38 22.31
N VAL B 48 9.73 -0.38 22.79
CA VAL B 48 9.01 -0.07 24.06
C VAL B 48 9.58 -0.87 25.24
N ASP B 49 9.91 -0.18 26.31
CA ASP B 49 10.35 -0.85 27.55
C ASP B 49 9.14 -1.16 28.45
N GLY C 1 -26.11 15.37 -8.84
CA GLY C 1 -25.48 14.07 -8.60
C GLY C 1 -24.68 13.61 -9.80
N PRO C 2 -23.35 13.44 -9.68
CA PRO C 2 -22.49 12.92 -10.76
C PRO C 2 -23.04 11.61 -11.31
N MET C 3 -23.11 11.53 -12.64
CA MET C 3 -23.37 10.27 -13.30
C MET C 3 -22.22 9.29 -13.04
N ALA C 4 -22.43 8.04 -13.45
CA ALA C 4 -21.45 6.99 -13.25
C ALA C 4 -20.37 7.01 -14.33
N ASN C 5 -19.13 6.86 -13.91
CA ASN C 5 -17.98 6.85 -14.81
C ASN C 5 -17.81 5.46 -15.46
N SER C 6 -17.26 5.45 -16.67
CA SER C 6 -17.12 4.20 -17.40
C SER C 6 -16.00 3.35 -16.82
N SER C 7 -16.16 2.03 -16.94
CA SER C 7 -15.23 1.04 -16.39
C SER C 7 -14.40 0.37 -17.48
N VAL C 8 -13.13 0.10 -17.18
CA VAL C 8 -12.18 -0.61 -18.02
C VAL C 8 -11.69 -1.86 -17.28
N GLU C 9 -11.52 -2.99 -17.96
CA GLU C 9 -10.92 -4.18 -17.38
C GLU C 9 -9.44 -4.22 -17.74
N LEU C 10 -8.60 -4.51 -16.75
CA LEU C 10 -7.16 -4.61 -16.92
C LEU C 10 -6.66 -5.90 -16.28
N ARG C 11 -5.51 -6.34 -16.76
CA ARG C 11 -4.96 -7.55 -16.16
C ARG C 11 -3.95 -7.19 -15.08
N VAL C 12 -4.06 -7.91 -14.00
CA VAL C 12 -3.27 -7.61 -12.80
C VAL C 12 -1.84 -8.08 -13.01
N ALA C 13 -0.88 -7.19 -12.74
CA ALA C 13 0.54 -7.53 -12.78
C ALA C 13 1.22 -7.17 -11.47
N GLU C 14 2.42 -7.71 -11.27
CA GLU C 14 3.23 -7.40 -10.09
C GLU C 14 3.73 -5.96 -10.13
N ALA C 15 3.86 -5.37 -8.94
CA ALA C 15 4.50 -4.07 -8.83
C ALA C 15 6.01 -4.23 -8.93
N TYR C 16 6.67 -3.17 -9.41
CA TYR C 16 8.11 -3.14 -9.31
C TYR C 16 8.54 -2.91 -7.86
N PRO C 17 9.70 -3.45 -7.45
CA PRO C 17 10.12 -3.35 -6.04
C PRO C 17 10.03 -1.94 -5.47
N GLU C 18 10.30 -0.91 -6.27
CA GLU C 18 10.33 0.40 -5.63
C GLU C 18 8.95 1.00 -5.47
N ASP C 19 7.90 0.39 -6.01
CA ASP C 19 6.52 0.84 -5.80
C ASP C 19 5.80 0.07 -4.69
N VAL C 20 6.38 -1.04 -4.21
CA VAL C 20 5.73 -1.83 -3.17
C VAL C 20 5.38 -0.91 -2.01
N GLY C 21 4.12 -0.93 -1.61
CA GLY C 21 3.65 -0.14 -0.49
C GLY C 21 3.19 1.27 -0.80
N ARG C 22 3.37 1.74 -2.05
CA ARG C 22 3.21 3.16 -2.39
C ARG C 22 1.77 3.63 -2.57
N GLY C 23 0.79 2.74 -2.75
CA GLY C 23 -0.57 3.21 -2.91
C GLY C 23 -0.90 3.77 -4.29
N ILE C 24 -0.18 3.35 -5.32
CA ILE C 24 -0.43 3.79 -6.69
C ILE C 24 -0.81 2.60 -7.54
N VAL C 25 -1.34 2.90 -8.74
CA VAL C 25 -1.51 1.93 -9.83
C VAL C 25 -0.88 2.54 -11.07
N ARG C 26 0.00 1.79 -11.73
CA ARG C 26 0.62 2.28 -12.95
C ARG C 26 -0.23 1.84 -14.13
N MET C 27 -0.48 2.77 -15.05
CA MET C 27 -1.23 2.47 -16.25
C MET C 27 -0.75 3.39 -17.37
N ASP C 28 -0.74 2.86 -18.59
CA ASP C 28 -0.26 3.65 -19.72
C ASP C 28 -1.31 4.69 -20.11
N LYS C 29 -0.95 5.56 -21.06
CA LYS C 29 -1.85 6.64 -21.47
C LYS C 29 -3.10 6.13 -22.20
N GLN C 30 -2.97 5.10 -23.04
CA GLN C 30 -4.15 4.43 -23.61
C GLN C 30 -5.20 4.20 -22.54
N THR C 31 -4.77 3.66 -21.42
CA THR C 31 -5.69 3.28 -20.37
C THR C 31 -6.25 4.51 -19.66
N ARG C 32 -5.39 5.47 -19.34
CA ARG C 32 -5.86 6.70 -18.70
C ARG C 32 -6.89 7.43 -19.57
N ALA C 33 -6.65 7.50 -20.89
CA ALA C 33 -7.61 8.11 -21.79
C ALA C 33 -8.96 7.40 -21.76
N LYS C 34 -8.94 6.06 -21.83
CA LYS C 34 -10.20 5.32 -21.77
C LYS C 34 -10.94 5.57 -20.45
N LEU C 35 -10.20 5.78 -19.35
CA LEU C 35 -10.81 6.02 -18.04
C LEU C 35 -11.19 7.48 -17.82
N GLY C 36 -10.68 8.38 -18.65
CA GLY C 36 -10.86 9.81 -18.42
C GLY C 36 -10.12 10.30 -17.19
N VAL C 37 -8.92 9.78 -16.95
CA VAL C 37 -8.15 10.22 -15.78
C VAL C 37 -6.76 10.64 -16.23
N SER C 38 -6.14 11.48 -15.41
CA SER C 38 -4.76 11.91 -15.54
C SER C 38 -3.97 11.40 -14.34
N VAL C 39 -2.64 11.37 -14.50
CA VAL C 39 -1.69 11.09 -13.44
C VAL C 39 -2.09 11.84 -12.18
N GLY C 40 -2.09 11.19 -11.00
CA GLY C 40 -2.41 11.86 -9.77
C GLY C 40 -3.87 11.84 -9.40
N ASP C 41 -4.76 11.58 -10.36
CA ASP C 41 -6.14 11.26 -10.03
C ASP C 41 -6.22 9.87 -9.39
N TYR C 42 -7.37 9.59 -8.79
CA TYR C 42 -7.63 8.30 -8.17
C TYR C 42 -8.55 7.44 -9.03
N VAL C 43 -8.32 6.14 -9.02
CA VAL C 43 -9.23 5.19 -9.64
C VAL C 43 -9.67 4.18 -8.60
N GLU C 44 -10.88 3.66 -8.76
CA GLU C 44 -11.38 2.59 -7.91
C GLU C 44 -11.15 1.26 -8.62
N VAL C 45 -10.56 0.31 -7.91
CA VAL C 45 -10.21 -0.99 -8.49
C VAL C 45 -11.05 -2.05 -7.79
N LYS C 46 -11.57 -2.97 -8.59
CA LYS C 46 -12.43 -4.00 -8.06
C LYS C 46 -12.31 -5.19 -8.99
N LYS C 47 -12.42 -6.34 -8.34
CA LYS C 47 -12.36 -7.68 -8.95
C LYS C 47 -13.57 -7.81 -9.89
N VAL C 48 -13.38 -8.45 -11.05
CA VAL C 48 -14.47 -8.54 -12.02
C VAL C 48 -15.62 -9.34 -11.43
N ASP C 49 -16.83 -8.82 -11.56
CA ASP C 49 -18.03 -9.45 -10.97
C ASP C 49 -19.21 -9.41 -11.94
N SER D 6 -12.25 -5.30 -0.44
CA SER D 6 -13.13 -5.86 -1.49
C SER D 6 -13.20 -4.90 -2.67
N SER D 7 -12.62 -3.72 -2.51
CA SER D 7 -12.56 -2.62 -3.50
C SER D 7 -11.53 -1.64 -2.94
N VAL D 8 -10.68 -1.08 -3.77
CA VAL D 8 -9.65 -0.17 -3.30
C VAL D 8 -9.63 1.05 -4.21
N GLU D 9 -9.05 2.13 -3.68
CA GLU D 9 -8.89 3.37 -4.43
C GLU D 9 -7.42 3.78 -4.37
N LEU D 10 -6.79 3.86 -5.54
CA LEU D 10 -5.36 4.08 -5.66
C LEU D 10 -5.11 5.28 -6.56
N ARG D 11 -3.93 5.87 -6.43
CA ARG D 11 -3.62 7.05 -7.21
C ARG D 11 -2.98 6.62 -8.53
N VAL D 12 -3.40 7.26 -9.62
CA VAL D 12 -2.88 6.90 -10.93
C VAL D 12 -1.44 7.40 -11.07
N ALA D 13 -0.57 6.53 -11.55
CA ALA D 13 0.79 6.92 -11.87
C ALA D 13 1.12 6.43 -13.27
N GLU D 14 2.07 7.11 -13.91
CA GLU D 14 2.47 6.76 -15.27
C GLU D 14 3.01 5.34 -15.33
N ALA D 15 2.98 4.77 -16.53
CA ALA D 15 3.50 3.43 -16.70
C ALA D 15 5.01 3.46 -16.85
N TYR D 16 5.63 2.30 -16.63
CA TYR D 16 6.99 2.14 -17.10
C TYR D 16 6.98 1.91 -18.62
N PRO D 17 8.01 2.38 -19.33
CA PRO D 17 7.95 2.36 -20.80
C PRO D 17 7.72 0.98 -21.39
N GLU D 18 8.29 -0.07 -20.79
CA GLU D 18 8.11 -1.42 -21.30
C GLU D 18 6.68 -1.93 -21.19
N ASP D 19 5.85 -1.33 -20.32
CA ASP D 19 4.47 -1.75 -20.12
C ASP D 19 3.48 -1.02 -21.01
N VAL D 20 3.91 0.00 -21.76
CA VAL D 20 3.00 0.79 -22.56
C VAL D 20 2.40 -0.08 -23.65
N GLY D 21 1.06 -0.08 -23.78
CA GLY D 21 0.40 -0.93 -24.73
C GLY D 21 0.09 -2.33 -24.22
N ARG D 22 0.43 -2.65 -22.96
CA ARG D 22 0.23 -3.98 -22.43
C ARG D 22 -1.15 -4.19 -21.81
N GLY D 23 -1.87 -3.12 -21.49
CA GLY D 23 -3.17 -3.30 -20.85
C GLY D 23 -3.12 -3.98 -19.50
N ILE D 24 -2.09 -3.71 -18.72
CA ILE D 24 -1.93 -4.30 -17.41
C ILE D 24 -2.01 -3.21 -16.36
N VAL D 25 -2.33 -3.62 -15.13
CA VAL D 25 -2.26 -2.72 -13.97
C VAL D 25 -1.31 -3.34 -12.97
N ARG D 26 -0.31 -2.56 -12.58
CA ARG D 26 0.68 -3.04 -11.64
C ARG D 26 0.30 -2.58 -10.25
N MET D 27 0.15 -3.55 -9.34
CA MET D 27 -0.20 -3.30 -7.94
C MET D 27 0.58 -4.30 -7.10
N ASP D 28 0.77 -3.97 -5.82
CA ASP D 28 1.59 -4.85 -5.00
C ASP D 28 0.74 -5.95 -4.34
N LYS D 29 1.43 -6.88 -3.67
CA LYS D 29 0.78 -8.06 -3.12
C LYS D 29 -0.29 -7.70 -2.10
N GLN D 30 -0.04 -6.66 -1.30
CA GLN D 30 -1.05 -6.25 -0.34
C GLN D 30 -2.31 -5.78 -1.06
N THR D 31 -2.15 -5.05 -2.17
CA THR D 31 -3.31 -4.59 -2.92
C THR D 31 -4.06 -5.75 -3.54
N ARG D 32 -3.34 -6.70 -4.15
CA ARG D 32 -4.01 -7.87 -4.71
C ARG D 32 -4.72 -8.66 -3.62
N ALA D 33 -4.07 -8.87 -2.48
CA ALA D 33 -4.69 -9.59 -1.37
C ALA D 33 -5.96 -8.88 -0.90
N LYS D 34 -5.92 -7.55 -0.80
CA LYS D 34 -7.12 -6.82 -0.39
C LYS D 34 -8.23 -6.99 -1.41
N LEU D 35 -7.89 -7.07 -2.69
CA LEU D 35 -8.89 -7.27 -3.74
C LEU D 35 -9.32 -8.72 -3.88
N GLY D 36 -8.56 -9.67 -3.34
CA GLY D 36 -8.84 -11.07 -3.59
C GLY D 36 -8.54 -11.51 -5.00
N VAL D 37 -7.49 -10.96 -5.61
CA VAL D 37 -7.07 -11.36 -6.95
C VAL D 37 -5.62 -11.80 -6.91
N SER D 38 -5.21 -12.48 -7.99
CA SER D 38 -3.82 -12.85 -8.17
C SER D 38 -3.30 -12.26 -9.47
N VAL D 39 -1.99 -12.41 -9.65
CA VAL D 39 -1.37 -12.04 -10.91
C VAL D 39 -2.05 -12.81 -12.03
N GLY D 40 -2.37 -12.11 -13.13
CA GLY D 40 -3.06 -12.71 -14.24
C GLY D 40 -4.58 -12.62 -14.18
N ASP D 41 -5.15 -12.33 -13.01
CA ASP D 41 -6.57 -12.04 -12.93
C ASP D 41 -6.86 -10.71 -13.62
N TYR D 42 -8.14 -10.43 -13.81
CA TYR D 42 -8.57 -9.11 -14.30
C TYR D 42 -9.32 -8.37 -13.21
N VAL D 43 -9.18 -7.04 -13.22
CA VAL D 43 -9.94 -6.14 -12.36
C VAL D 43 -10.68 -5.14 -13.22
N GLU D 44 -11.81 -4.65 -12.68
CA GLU D 44 -12.49 -3.49 -13.20
C GLU D 44 -11.91 -2.24 -12.53
N VAL D 45 -11.65 -1.21 -13.35
CA VAL D 45 -11.09 0.06 -12.88
C VAL D 45 -11.98 1.19 -13.37
N LYS D 46 -12.19 2.18 -12.51
CA LYS D 46 -12.89 3.37 -12.97
C LYS D 46 -12.47 4.60 -12.17
N LYS D 47 -12.64 5.75 -12.80
CA LYS D 47 -12.35 7.07 -12.22
C LYS D 47 -13.17 7.27 -10.95
N VAL D 48 -12.55 7.78 -9.88
CA VAL D 48 -13.25 8.12 -8.65
C VAL D 48 -13.65 9.59 -8.70
N ASP D 49 -14.94 9.86 -8.48
CA ASP D 49 -15.40 11.24 -8.24
C ASP D 49 -15.24 11.60 -6.75
#